data_8W43
#
_entry.id   8W43
#
_cell.length_a   43.221
_cell.length_b   84.189
_cell.length_c   62.954
_cell.angle_alpha   90.00
_cell.angle_beta   90.00
_cell.angle_gamma   90.00
#
_symmetry.space_group_name_H-M   'P 21 21 2'
#
loop_
_entity.id
_entity.type
_entity.pdbx_description
1 polymer Transthyretin
2 non-polymer PICEATANNOL
3 non-polymer 'SODIUM ION'
4 water water
#
_entity_poly.entity_id   1
_entity_poly.type   'polypeptide(L)'
_entity_poly.pdbx_seq_one_letter_code
;MRGSHHHHHHGSMASHRLLLLCLAGLVFVSEAGPTGTGESKCPLMVKVLDAVRGSPAINVAMHVFRKAADDTWEPFASGK
TSESGELHGLTTEEEFVEGIYKVEIDTKSYWKALGISPFHEHAEVVFTANDSGPRRYTIAALLSPYSYSTTAVVTNPKE
;
_entity_poly.pdbx_strand_id   A,B
#
loop_
_chem_comp.id
_chem_comp.type
_chem_comp.name
_chem_comp.formula
NA non-polymer 'SODIUM ION' 'Na 1'
PIT non-polymer PICEATANNOL 'C14 H12 O4'
#
# COMPACT_ATOMS: atom_id res chain seq x y z
N CYS A 42 -6.50 23.24 3.40
CA CYS A 42 -5.79 21.99 3.58
C CYS A 42 -6.34 20.93 2.62
N PRO A 43 -5.76 20.87 1.42
CA PRO A 43 -6.27 19.93 0.40
C PRO A 43 -5.84 18.50 0.61
N LEU A 44 -4.87 18.22 1.48
CA LEU A 44 -4.42 16.87 1.72
C LEU A 44 -4.14 16.72 3.20
N MET A 45 -4.80 15.76 3.84
CA MET A 45 -4.57 15.46 5.25
C MET A 45 -4.46 13.95 5.39
N VAL A 46 -3.62 13.50 6.30
CA VAL A 46 -3.44 12.07 6.55
C VAL A 46 -3.69 11.81 8.02
N LYS A 47 -4.48 10.79 8.32
CA LYS A 47 -4.79 10.39 9.69
C LYS A 47 -4.40 8.94 9.87
N VAL A 48 -3.68 8.64 10.95
CA VAL A 48 -3.17 7.30 11.18
C VAL A 48 -3.60 6.83 12.57
N LEU A 49 -4.14 5.62 12.64
CA LEU A 49 -4.67 5.04 13.87
C LEU A 49 -3.95 3.73 14.18
N ASP A 50 -3.86 3.41 15.46
CA ASP A 50 -3.15 2.25 15.96
C ASP A 50 -4.20 1.25 16.47
N ALA A 51 -4.30 0.10 15.78
CA ALA A 51 -5.27 -0.94 16.11
C ALA A 51 -4.86 -1.83 17.27
N VAL A 52 -3.61 -1.74 17.71
CA VAL A 52 -3.13 -2.54 18.85
C VAL A 52 -3.40 -1.83 20.16
N ARG A 53 -3.12 -0.54 20.20
CA ARG A 53 -3.24 0.25 21.41
C ARG A 53 -4.55 1.02 21.50
N GLY A 54 -5.29 1.13 20.41
CA GLY A 54 -6.55 1.87 20.42
C GLY A 54 -6.31 3.35 20.63
N SER A 55 -5.44 3.90 19.81
CA SER A 55 -4.99 5.27 19.99
C SER A 55 -4.70 5.84 18.61
N PRO A 56 -4.61 7.15 18.49
CA PRO A 56 -3.96 7.72 17.29
C PRO A 56 -2.55 7.17 17.22
N ALA A 57 -2.03 7.04 16.01
CA ALA A 57 -0.63 6.68 15.81
C ALA A 57 0.15 7.99 15.78
N ILE A 58 0.87 8.27 16.85
CA ILE A 58 1.51 9.56 17.07
C ILE A 58 2.96 9.50 16.58
N ASN A 59 3.45 10.61 16.04
CA ASN A 59 4.84 10.73 15.59
C ASN A 59 5.19 9.73 14.51
N VAL A 60 4.24 9.41 13.65
CA VAL A 60 4.48 8.56 12.50
C VAL A 60 4.97 9.44 11.35
N ALA A 61 6.14 9.13 10.83
CA ALA A 61 6.68 9.86 9.69
C ALA A 61 6.05 9.37 8.39
N MET A 62 5.91 10.29 7.44
CA MET A 62 5.50 9.89 6.11
C MET A 62 6.09 10.85 5.08
N HIS A 63 6.28 10.32 3.88
CA HIS A 63 6.78 11.10 2.75
C HIS A 63 5.78 11.01 1.61
N VAL A 64 5.52 12.14 0.99
CA VAL A 64 4.64 12.22 -0.17
C VAL A 64 5.49 12.49 -1.39
N PHE A 65 5.21 11.76 -2.47
CA PHE A 65 5.90 11.90 -3.74
C PHE A 65 4.88 12.17 -4.82
N ARG A 66 5.36 12.77 -5.92
CA ARG A 66 4.52 13.02 -7.08
C ARG A 66 5.27 12.50 -8.29
N LYS A 67 4.57 11.77 -9.16
CA LYS A 67 5.19 11.20 -10.34
C LYS A 67 5.57 12.31 -11.32
N ALA A 68 6.84 12.32 -11.72
CA ALA A 68 7.34 13.32 -12.65
C ALA A 68 7.07 12.89 -14.09
N ALA A 69 7.38 13.80 -15.03
CA ALA A 69 7.11 13.53 -16.44
C ALA A 69 7.92 12.34 -16.95
N ASP A 70 9.07 12.05 -16.33
CA ASP A 70 9.90 10.92 -16.72
C ASP A 70 9.56 9.65 -15.95
N ASP A 71 8.38 9.59 -15.33
CA ASP A 71 7.89 8.44 -14.57
C ASP A 71 8.63 8.21 -13.25
N THR A 72 9.49 9.13 -12.82
CA THR A 72 10.16 8.97 -11.54
C THR A 72 9.35 9.65 -10.43
N TRP A 73 9.59 9.20 -9.20
CA TRP A 73 8.90 9.76 -8.04
C TRP A 73 9.70 10.95 -7.52
N GLU A 74 9.10 12.14 -7.59
CA GLU A 74 9.72 13.37 -7.11
C GLU A 74 9.26 13.64 -5.68
N PRO A 75 10.15 14.05 -4.78
CA PRO A 75 9.68 14.43 -3.43
C PRO A 75 8.69 15.59 -3.52
N PHE A 76 7.61 15.48 -2.76
CA PHE A 76 6.55 16.48 -2.77
C PHE A 76 6.34 17.14 -1.42
N ALA A 77 6.26 16.36 -0.34
CA ALA A 77 6.10 16.89 1.01
C ALA A 77 6.38 15.76 1.98
N SER A 78 6.59 16.13 3.24
CA SER A 78 6.73 15.11 4.28
C SER A 78 6.37 15.72 5.63
N GLY A 79 6.18 14.86 6.63
CA GLY A 79 5.86 15.34 7.96
C GLY A 79 5.64 14.17 8.89
N LYS A 80 5.24 14.49 10.12
CA LYS A 80 4.95 13.50 11.15
C LYS A 80 3.57 13.76 11.72
N THR A 81 2.87 12.69 12.10
CA THR A 81 1.56 12.86 12.72
C THR A 81 1.67 13.49 14.10
N SER A 82 0.64 14.24 14.45
CA SER A 82 0.51 14.92 15.74
C SER A 82 0.00 13.95 16.81
N GLU A 83 -0.28 14.49 18.01
CA GLU A 83 -0.86 13.69 19.07
C GLU A 83 -2.26 13.20 18.71
N SER A 84 -2.92 13.81 17.73
CA SER A 84 -4.20 13.35 17.24
C SER A 84 -4.06 12.33 16.12
N GLY A 85 -2.83 11.96 15.76
CA GLY A 85 -2.63 11.06 14.66
C GLY A 85 -2.78 11.69 13.30
N GLU A 86 -2.86 13.01 13.23
CA GLU A 86 -3.14 13.71 11.99
C GLU A 86 -1.91 14.48 11.54
N LEU A 87 -1.76 14.57 10.22
CA LEU A 87 -0.73 15.38 9.60
C LEU A 87 -1.44 16.35 8.68
N HIS A 88 -1.41 17.63 9.05
CA HIS A 88 -2.01 18.73 8.31
C HIS A 88 -0.92 19.58 7.67
N GLY A 89 -1.33 20.40 6.72
CA GLY A 89 -0.43 21.38 6.14
C GLY A 89 0.62 20.85 5.20
N LEU A 90 0.42 19.65 4.63
CA LEU A 90 1.41 19.11 3.71
C LEU A 90 1.54 19.96 2.45
N THR A 91 0.44 20.55 1.97
CA THR A 91 0.47 21.26 0.70
C THR A 91 -0.55 22.38 0.71
N THR A 92 -0.67 23.05 -0.44
CA THR A 92 -1.59 24.16 -0.65
C THR A 92 -2.39 23.86 -1.90
N GLU A 93 -3.51 24.57 -2.05
CA GLU A 93 -4.33 24.42 -3.26
C GLU A 93 -3.51 24.70 -4.51
N GLU A 94 -2.65 25.71 -4.46
CA GLU A 94 -1.90 26.10 -5.65
C GLU A 94 -0.86 25.03 -6.03
N GLU A 95 -0.23 24.42 -5.03
CA GLU A 95 0.85 23.50 -5.28
C GLU A 95 0.34 22.10 -5.63
N PHE A 96 -0.86 21.76 -5.14
CA PHE A 96 -1.40 20.40 -5.25
C PHE A 96 -2.16 20.26 -6.57
N VAL A 97 -1.38 20.21 -7.65
CA VAL A 97 -1.89 20.12 -9.01
C VAL A 97 -2.32 18.68 -9.34
N GLU A 98 -2.96 18.49 -10.50
CA GLU A 98 -3.19 17.15 -11.00
C GLU A 98 -1.91 16.35 -11.01
N GLY A 99 -2.03 15.08 -10.69
CA GLY A 99 -0.88 14.19 -10.79
C GLY A 99 -1.16 12.89 -10.11
N ILE A 100 -0.17 12.00 -10.19
CA ILE A 100 -0.18 10.75 -9.44
C ILE A 100 0.69 10.97 -8.21
N TYR A 101 0.12 10.73 -7.04
CA TYR A 101 0.80 10.96 -5.78
C TYR A 101 0.94 9.65 -5.02
N LYS A 102 2.00 9.55 -4.23
CA LYS A 102 2.25 8.40 -3.37
C LYS A 102 2.50 8.90 -1.97
N VAL A 103 1.74 8.42 -1.00
CA VAL A 103 2.01 8.64 0.41
C VAL A 103 2.63 7.37 0.95
N GLU A 104 3.85 7.49 1.47
CA GLU A 104 4.58 6.37 2.03
C GLU A 104 4.69 6.60 3.53
N ILE A 105 3.97 5.81 4.31
CA ILE A 105 3.86 5.99 5.76
C ILE A 105 4.86 5.05 6.42
N ASP A 106 5.76 5.59 7.24
CA ASP A 106 6.82 4.77 7.84
C ASP A 106 6.27 4.01 9.04
N THR A 107 5.52 2.95 8.72
CA THR A 107 4.93 2.11 9.76
C THR A 107 5.99 1.26 10.46
N LYS A 108 7.07 0.91 9.76
CA LYS A 108 8.08 0.03 10.34
C LYS A 108 8.74 0.67 11.56
N SER A 109 9.15 1.94 11.43
CA SER A 109 9.78 2.62 12.57
C SER A 109 8.81 2.75 13.75
N TYR A 110 7.53 2.99 13.44
CA TYR A 110 6.52 3.11 14.48
C TYR A 110 6.43 1.84 15.32
N TRP A 111 6.30 0.68 14.65
CA TRP A 111 6.19 -0.57 15.39
C TRP A 111 7.49 -0.90 16.11
N LYS A 112 8.63 -0.70 15.44
CA LYS A 112 9.91 -1.02 16.06
C LYS A 112 10.13 -0.24 17.35
N ALA A 113 9.68 1.02 17.38
CA ALA A 113 9.82 1.82 18.59
C ALA A 113 9.01 1.26 19.75
N LEU A 114 7.93 0.53 19.45
CA LEU A 114 7.13 -0.14 20.46
C LEU A 114 7.63 -1.55 20.75
N GLY A 115 8.76 -1.95 20.20
CA GLY A 115 9.30 -3.28 20.42
C GLY A 115 8.64 -4.37 19.62
N ILE A 116 7.99 -4.02 18.50
CA ILE A 116 7.31 -4.98 17.65
C ILE A 116 8.03 -5.03 16.31
N SER A 117 8.31 -6.24 15.84
CA SER A 117 8.89 -6.42 14.51
C SER A 117 7.77 -6.63 13.52
N PRO A 118 7.45 -5.62 12.72
CA PRO A 118 6.25 -5.69 11.88
C PRO A 118 6.54 -6.31 10.53
N PHE A 119 5.47 -6.54 9.77
CA PHE A 119 5.59 -7.18 8.48
C PHE A 119 6.02 -6.20 7.39
N HIS A 120 5.36 -5.05 7.31
CA HIS A 120 5.54 -4.14 6.18
C HIS A 120 6.71 -3.20 6.39
N GLU A 121 7.35 -2.82 5.28
CA GLU A 121 8.33 -1.74 5.33
C GLU A 121 7.65 -0.39 5.53
N HIS A 122 6.50 -0.20 4.91
CA HIS A 122 5.72 1.03 5.01
C HIS A 122 4.33 0.68 4.53
N ALA A 123 3.38 1.58 4.77
CA ALA A 123 2.07 1.52 4.16
C ALA A 123 2.05 2.56 3.05
N GLU A 124 1.64 2.14 1.85
CA GLU A 124 1.75 2.96 0.66
C GLU A 124 0.37 3.21 0.10
N VAL A 125 0.11 4.46 -0.29
CA VAL A 125 -1.15 4.89 -0.88
C VAL A 125 -0.81 5.65 -2.16
N VAL A 126 -1.18 5.11 -3.32
CA VAL A 126 -0.88 5.72 -4.61
C VAL A 126 -2.19 6.04 -5.33
N PHE A 127 -2.33 7.29 -5.77
CA PHE A 127 -3.62 7.73 -6.31
C PHE A 127 -3.43 8.91 -7.25
N THR A 128 -4.33 9.02 -8.22
CA THR A 128 -4.43 10.23 -9.03
C THR A 128 -5.25 11.27 -8.29
N ALA A 129 -4.76 12.50 -8.25
CA ALA A 129 -5.45 13.58 -7.56
C ALA A 129 -5.81 14.68 -8.55
N ASN A 130 -6.97 15.30 -8.31
CA ASN A 130 -7.36 16.57 -8.91
C ASN A 130 -7.56 16.50 -10.41
N ASP A 131 -7.77 15.31 -10.98
CA ASP A 131 -7.85 15.25 -12.43
C ASP A 131 -9.19 15.76 -12.96
N SER A 132 -10.18 16.00 -12.10
CA SER A 132 -11.44 16.59 -12.49
C SER A 132 -11.64 17.94 -11.81
N GLY A 133 -10.56 18.61 -11.46
CA GLY A 133 -10.63 19.83 -10.69
C GLY A 133 -10.21 19.60 -9.25
N PRO A 134 -10.02 20.68 -8.50
CA PRO A 134 -9.51 20.57 -7.13
C PRO A 134 -10.47 19.80 -6.23
N ARG A 135 -9.90 18.93 -5.42
CA ARG A 135 -10.63 18.19 -4.39
C ARG A 135 -9.82 18.23 -3.11
N ARG A 136 -10.50 17.99 -1.99
CA ARG A 136 -9.84 17.82 -0.70
C ARG A 136 -9.78 16.33 -0.39
N TYR A 137 -8.62 15.88 0.05
CA TYR A 137 -8.36 14.46 0.28
C TYR A 137 -7.99 14.24 1.74
N THR A 138 -8.70 13.32 2.38
CA THR A 138 -8.24 12.77 3.65
C THR A 138 -7.89 11.32 3.42
N ILE A 139 -6.64 10.96 3.69
CA ILE A 139 -6.17 9.59 3.62
C ILE A 139 -6.09 9.08 5.04
N ALA A 140 -6.78 7.97 5.33
CA ALA A 140 -6.70 7.38 6.65
C ALA A 140 -6.05 6.00 6.56
N ALA A 141 -5.30 5.63 7.59
CA ALA A 141 -4.67 4.33 7.65
C ALA A 141 -4.82 3.78 9.06
N LEU A 142 -5.24 2.52 9.16
CA LEU A 142 -5.41 1.82 10.44
C LEU A 142 -4.36 0.72 10.50
N LEU A 143 -3.46 0.79 11.48
CA LEU A 143 -2.25 -0.02 11.47
C LEU A 143 -2.27 -1.13 12.50
N SER A 144 -1.83 -2.32 12.07
CA SER A 144 -1.49 -3.44 12.94
C SER A 144 -0.13 -3.97 12.51
N PRO A 145 0.52 -4.79 13.34
CA PRO A 145 1.87 -5.25 12.98
C PRO A 145 1.94 -6.01 11.67
N TYR A 146 0.94 -6.82 11.35
CA TYR A 146 0.95 -7.60 10.10
C TYR A 146 -0.11 -7.18 9.11
N SER A 147 -0.74 -6.03 9.31
CA SER A 147 -1.88 -5.66 8.48
C SER A 147 -2.06 -4.16 8.50
N TYR A 148 -2.61 -3.63 7.41
CA TYR A 148 -3.14 -2.29 7.47
C TYR A 148 -4.34 -2.14 6.56
N SER A 149 -5.20 -1.20 6.92
CA SER A 149 -6.34 -0.81 6.11
C SER A 149 -6.15 0.66 5.79
N THR A 150 -6.56 1.06 4.59
CA THR A 150 -6.48 2.47 4.25
C THR A 150 -7.70 2.85 3.42
N THR A 151 -8.18 4.07 3.62
CA THR A 151 -9.31 4.57 2.85
C THR A 151 -9.06 6.03 2.54
N ALA A 152 -9.88 6.57 1.65
CA ALA A 152 -9.81 7.97 1.27
C ALA A 152 -11.20 8.57 1.37
N VAL A 153 -11.25 9.81 1.83
CA VAL A 153 -12.44 10.63 1.78
C VAL A 153 -12.12 11.78 0.85
N VAL A 154 -12.87 11.91 -0.25
CA VAL A 154 -12.63 12.90 -1.29
C VAL A 154 -13.84 13.81 -1.33
N THR A 155 -13.61 15.11 -1.12
CA THR A 155 -14.70 16.06 -1.05
C THR A 155 -14.46 17.22 -2.00
N ASN A 156 -15.55 17.77 -2.52
CA ASN A 156 -15.48 18.90 -3.42
C ASN A 156 -15.75 20.21 -2.66
N CYS B 42 3.98 -23.56 -0.59
CA CYS B 42 3.98 -22.42 -1.49
C CYS B 42 4.67 -21.23 -0.83
N PRO B 43 5.87 -20.88 -1.32
CA PRO B 43 6.63 -19.79 -0.68
C PRO B 43 5.90 -18.45 -0.65
N LEU B 44 5.16 -18.12 -1.71
CA LEU B 44 4.49 -16.82 -1.80
C LEU B 44 3.18 -17.03 -2.54
N MET B 45 2.06 -16.73 -1.88
CA MET B 45 0.75 -16.79 -2.49
C MET B 45 0.04 -15.47 -2.19
N VAL B 46 -0.77 -14.99 -3.12
CA VAL B 46 -1.54 -13.77 -2.93
C VAL B 46 -3.00 -14.10 -3.16
N LYS B 47 -3.86 -13.66 -2.24
CA LYS B 47 -5.30 -13.88 -2.31
C LYS B 47 -5.98 -12.53 -2.32
N VAL B 48 -6.90 -12.33 -3.25
CA VAL B 48 -7.57 -11.04 -3.42
C VAL B 48 -9.07 -11.24 -3.36
N LEU B 49 -9.75 -10.42 -2.55
CA LEU B 49 -11.18 -10.49 -2.32
C LEU B 49 -11.84 -9.17 -2.67
N ASP B 50 -13.10 -9.26 -3.09
CA ASP B 50 -13.89 -8.11 -3.55
C ASP B 50 -14.94 -7.83 -2.48
N ALA B 51 -14.82 -6.66 -1.83
CA ALA B 51 -15.72 -6.27 -0.74
C ALA B 51 -17.03 -5.66 -1.24
N VAL B 52 -17.13 -5.34 -2.52
CA VAL B 52 -18.35 -4.81 -3.10
C VAL B 52 -19.29 -5.93 -3.50
N ARG B 53 -18.76 -6.97 -4.12
CA ARG B 53 -19.55 -8.07 -4.66
C ARG B 53 -19.57 -9.30 -3.76
N GLY B 54 -18.69 -9.38 -2.76
CA GLY B 54 -18.67 -10.54 -1.88
C GLY B 54 -18.18 -11.77 -2.60
N SER B 55 -17.04 -11.65 -3.27
CA SER B 55 -16.55 -12.70 -4.15
C SER B 55 -15.04 -12.66 -4.13
N PRO B 56 -14.38 -13.73 -4.55
CA PRO B 56 -12.98 -13.60 -4.94
C PRO B 56 -12.85 -12.55 -6.02
N ALA B 57 -11.70 -11.87 -6.04
CA ALA B 57 -11.40 -10.94 -7.11
C ALA B 57 -10.61 -11.71 -8.17
N ILE B 58 -11.26 -12.01 -9.28
CA ILE B 58 -10.75 -12.90 -10.31
C ILE B 58 -10.05 -12.07 -11.39
N ASN B 59 -8.99 -12.63 -11.96
CA ASN B 59 -8.27 -11.99 -13.08
C ASN B 59 -7.63 -10.68 -12.68
N VAL B 60 -7.22 -10.56 -11.42
CA VAL B 60 -6.51 -9.39 -10.95
C VAL B 60 -5.03 -9.57 -11.24
N ALA B 61 -4.45 -8.66 -12.00
CA ALA B 61 -3.05 -8.72 -12.37
C ALA B 61 -2.18 -8.12 -11.28
N MET B 62 -0.99 -8.69 -11.10
CA MET B 62 -0.02 -8.10 -10.19
C MET B 62 1.41 -8.44 -10.64
N HIS B 63 2.33 -7.55 -10.30
CA HIS B 63 3.75 -7.80 -10.45
C HIS B 63 4.41 -7.77 -9.07
N VAL B 64 5.45 -8.58 -8.93
CA VAL B 64 6.27 -8.62 -7.71
C VAL B 64 7.67 -8.15 -8.08
N PHE B 65 8.22 -7.26 -7.27
CA PHE B 65 9.56 -6.72 -7.47
C PHE B 65 10.38 -6.99 -6.23
N ARG B 66 11.69 -6.99 -6.41
CA ARG B 66 12.64 -7.13 -5.30
C ARG B 66 13.60 -5.96 -5.36
N LYS B 67 13.84 -5.33 -4.21
CA LYS B 67 14.67 -4.14 -4.18
C LYS B 67 16.13 -4.50 -4.49
N ALA B 68 16.72 -3.79 -5.44
CA ALA B 68 18.11 -4.03 -5.80
C ALA B 68 19.04 -3.21 -4.91
N ALA B 69 20.34 -3.50 -5.02
CA ALA B 69 21.32 -2.80 -4.19
C ALA B 69 21.34 -1.30 -4.43
N ASP B 70 20.93 -0.85 -5.61
CA ASP B 70 20.87 0.57 -5.93
C ASP B 70 19.50 1.19 -5.60
N ASP B 71 18.69 0.50 -4.81
CA ASP B 71 17.37 0.94 -4.38
C ASP B 71 16.33 0.95 -5.50
N THR B 72 16.65 0.42 -6.67
CA THR B 72 15.65 0.28 -7.72
C THR B 72 14.89 -1.03 -7.53
N TRP B 73 13.72 -1.11 -8.16
CA TRP B 73 12.85 -2.27 -8.05
C TRP B 73 13.09 -3.20 -9.23
N GLU B 74 13.65 -4.37 -8.96
CA GLU B 74 13.96 -5.37 -9.97
C GLU B 74 12.78 -6.30 -10.17
N PRO B 75 12.40 -6.62 -11.40
CA PRO B 75 11.31 -7.58 -11.63
C PRO B 75 11.61 -8.92 -10.97
N PHE B 76 10.60 -9.50 -10.32
CA PHE B 76 10.81 -10.77 -9.63
C PHE B 76 9.80 -11.85 -10.00
N ALA B 77 8.52 -11.52 -10.09
CA ALA B 77 7.48 -12.50 -10.37
C ALA B 77 6.25 -11.73 -10.83
N SER B 78 5.26 -12.46 -11.35
CA SER B 78 3.99 -11.81 -11.71
C SER B 78 2.94 -12.87 -12.00
N GLY B 79 1.70 -12.42 -12.15
CA GLY B 79 0.62 -13.30 -12.54
C GLY B 79 -0.73 -12.63 -12.36
N LYS B 80 -1.78 -13.41 -12.57
CA LYS B 80 -3.15 -12.97 -12.39
C LYS B 80 -3.87 -13.94 -11.45
N THR B 81 -4.80 -13.41 -10.66
CA THR B 81 -5.55 -14.30 -9.77
C THR B 81 -6.47 -15.22 -10.55
N SER B 82 -6.65 -16.43 -10.00
CA SER B 82 -7.52 -17.46 -10.54
C SER B 82 -8.98 -17.17 -10.21
N GLU B 83 -9.85 -18.10 -10.58
CA GLU B 83 -11.26 -17.99 -10.23
C GLU B 83 -11.50 -18.04 -8.72
N SER B 84 -10.53 -18.54 -7.94
CA SER B 84 -10.63 -18.51 -6.50
C SER B 84 -10.05 -17.22 -5.90
N GLY B 85 -9.61 -16.29 -6.74
CA GLY B 85 -8.99 -15.09 -6.23
C GLY B 85 -7.55 -15.28 -5.78
N GLU B 86 -6.93 -16.42 -6.10
CA GLU B 86 -5.62 -16.74 -5.61
C GLU B 86 -4.60 -16.77 -6.75
N LEU B 87 -3.38 -16.38 -6.42
CA LEU B 87 -2.25 -16.48 -7.32
C LEU B 87 -1.17 -17.30 -6.62
N HIS B 88 -0.96 -18.51 -7.11
CA HIS B 88 0.04 -19.46 -6.62
C HIS B 88 1.17 -19.56 -7.63
N GLY B 89 2.26 -20.18 -7.21
CA GLY B 89 3.36 -20.47 -8.13
C GLY B 89 4.21 -19.29 -8.51
N LEU B 90 4.21 -18.22 -7.71
CA LEU B 90 4.99 -17.04 -8.04
C LEU B 90 6.49 -17.30 -8.00
N THR B 91 6.95 -18.11 -7.05
CA THR B 91 8.38 -18.32 -6.88
C THR B 91 8.60 -19.72 -6.32
N THR B 92 9.86 -20.06 -6.10
CA THR B 92 10.24 -21.30 -5.45
C THR B 92 11.04 -20.96 -4.22
N GLU B 93 11.17 -21.93 -3.32
CA GLU B 93 11.89 -21.68 -2.08
C GLU B 93 13.33 -21.24 -2.36
N GLU B 94 14.01 -21.90 -3.32
CA GLU B 94 15.41 -21.59 -3.59
C GLU B 94 15.58 -20.16 -4.13
N GLU B 95 14.64 -19.69 -4.93
CA GLU B 95 14.77 -18.39 -5.55
C GLU B 95 14.36 -17.25 -4.62
N PHE B 96 13.60 -17.55 -3.59
CA PHE B 96 12.97 -16.54 -2.74
C PHE B 96 13.83 -16.39 -1.50
N VAL B 97 14.81 -15.49 -1.57
CA VAL B 97 15.75 -15.28 -0.47
C VAL B 97 15.51 -13.92 0.16
N GLU B 98 16.34 -13.56 1.13
CA GLU B 98 16.18 -12.30 1.83
C GLU B 98 16.14 -11.15 0.83
N GLY B 99 15.23 -10.22 1.08
CA GLY B 99 15.13 -9.02 0.31
C GLY B 99 13.91 -8.26 0.74
N ILE B 100 13.79 -7.06 0.21
CA ILE B 100 12.58 -6.28 0.31
C ILE B 100 11.79 -6.51 -0.96
N TYR B 101 10.54 -6.95 -0.82
CA TYR B 101 9.69 -7.29 -1.94
C TYR B 101 8.50 -6.34 -1.99
N LYS B 102 8.03 -6.06 -3.19
CA LYS B 102 6.85 -5.23 -3.40
C LYS B 102 5.91 -6.00 -4.30
N VAL B 103 4.69 -6.24 -3.81
CA VAL B 103 3.61 -6.77 -4.62
C VAL B 103 2.77 -5.59 -5.04
N GLU B 104 2.69 -5.34 -6.35
CA GLU B 104 1.92 -4.23 -6.89
C GLU B 104 0.71 -4.80 -7.62
N ILE B 105 -0.47 -4.63 -7.03
CA ILE B 105 -1.70 -5.25 -7.50
C ILE B 105 -2.48 -4.22 -8.31
N ASP B 106 -2.80 -4.53 -9.56
CA ASP B 106 -3.50 -3.58 -10.43
C ASP B 106 -4.99 -3.59 -10.10
N THR B 107 -5.32 -2.93 -9.00
CA THR B 107 -6.71 -2.79 -8.59
C THR B 107 -7.48 -1.82 -9.49
N LYS B 108 -6.79 -0.85 -10.10
CA LYS B 108 -7.49 0.13 -10.92
C LYS B 108 -8.16 -0.55 -12.11
N SER B 109 -7.42 -1.42 -12.81
CA SER B 109 -8.01 -2.11 -13.96
C SER B 109 -9.18 -2.98 -13.54
N TYR B 110 -9.10 -3.58 -12.34
CA TYR B 110 -10.18 -4.42 -11.85
C TYR B 110 -11.47 -3.62 -11.70
N TRP B 111 -11.39 -2.47 -11.03
CA TRP B 111 -12.59 -1.64 -10.83
C TRP B 111 -13.08 -1.05 -12.14
N LYS B 112 -12.17 -0.62 -13.00
CA LYS B 112 -12.59 -0.03 -14.27
C LYS B 112 -13.35 -1.03 -15.11
N ALA B 113 -12.97 -2.30 -15.06
CA ALA B 113 -13.70 -3.33 -15.79
C ALA B 113 -15.13 -3.49 -15.29
N LEU B 114 -15.40 -3.07 -14.05
CA LEU B 114 -16.73 -3.10 -13.47
C LEU B 114 -17.44 -1.75 -13.58
N GLY B 115 -16.88 -0.81 -14.33
CA GLY B 115 -17.50 0.50 -14.49
C GLY B 115 -17.40 1.39 -13.28
N ILE B 116 -16.41 1.16 -12.43
CA ILE B 116 -16.23 1.90 -11.18
C ILE B 116 -14.93 2.67 -11.28
N SER B 117 -14.99 3.97 -10.97
CA SER B 117 -13.80 4.81 -10.95
C SER B 117 -13.19 4.73 -9.56
N PRO B 118 -12.07 4.02 -9.38
CA PRO B 118 -11.53 3.80 -8.04
C PRO B 118 -10.55 4.90 -7.64
N PHE B 119 -10.18 4.88 -6.36
CA PHE B 119 -9.27 5.87 -5.83
C PHE B 119 -7.82 5.53 -6.16
N HIS B 120 -7.40 4.30 -5.94
CA HIS B 120 -5.98 3.95 -6.01
C HIS B 120 -5.54 3.60 -7.42
N GLU B 121 -4.29 3.93 -7.73
CA GLU B 121 -3.68 3.40 -8.95
C GLU B 121 -3.44 1.91 -8.83
N HIS B 122 -3.03 1.47 -7.65
CA HIS B 122 -2.81 0.06 -7.38
C HIS B 122 -2.79 -0.10 -5.87
N ALA B 123 -2.81 -1.35 -5.43
CA ALA B 123 -2.57 -1.67 -4.03
C ALA B 123 -1.17 -2.24 -3.96
N GLU B 124 -0.37 -1.73 -3.06
CA GLU B 124 0.99 -2.24 -2.97
C GLU B 124 1.31 -2.69 -1.55
N VAL B 125 2.06 -3.78 -1.48
CA VAL B 125 2.41 -4.45 -0.24
C VAL B 125 3.93 -4.59 -0.28
N VAL B 126 4.62 -3.89 0.61
CA VAL B 126 6.08 -3.86 0.63
C VAL B 126 6.55 -4.44 1.95
N PHE B 127 7.42 -5.46 1.89
CA PHE B 127 7.80 -6.21 3.09
C PHE B 127 9.18 -6.83 2.90
N THR B 128 9.92 -6.98 4.00
CA THR B 128 11.11 -7.82 4.00
C THR B 128 10.68 -9.28 4.15
N ALA B 129 11.28 -10.16 3.37
CA ALA B 129 11.00 -11.58 3.44
C ALA B 129 12.30 -12.35 3.60
N ASN B 130 12.20 -13.48 4.29
CA ASN B 130 13.25 -14.50 4.41
C ASN B 130 14.49 -14.02 5.17
N ASP B 131 14.37 -12.94 5.94
CA ASP B 131 15.54 -12.46 6.67
C ASP B 131 15.98 -13.40 7.77
N SER B 132 15.09 -14.29 8.24
CA SER B 132 15.45 -15.34 9.17
C SER B 132 15.40 -16.71 8.51
N GLY B 133 15.73 -16.77 7.22
CA GLY B 133 15.62 -17.98 6.46
C GLY B 133 14.23 -18.12 5.86
N PRO B 134 14.03 -19.20 5.09
CA PRO B 134 12.74 -19.38 4.42
C PRO B 134 11.53 -19.28 5.34
N ARG B 135 10.50 -18.63 4.85
CA ARG B 135 9.15 -18.69 5.40
C ARG B 135 8.19 -18.80 4.24
N ARG B 136 6.99 -19.25 4.54
CA ARG B 136 5.88 -19.23 3.58
C ARG B 136 5.00 -18.03 3.87
N TYR B 137 4.67 -17.29 2.82
CA TYR B 137 3.95 -16.03 2.93
C TYR B 137 2.64 -16.12 2.18
N THR B 138 1.53 -15.80 2.84
CA THR B 138 0.27 -15.54 2.18
C THR B 138 -0.05 -14.07 2.39
N ILE B 139 -0.21 -13.34 1.29
CA ILE B 139 -0.61 -11.93 1.32
C ILE B 139 -2.06 -11.90 0.89
N ALA B 140 -2.92 -11.35 1.73
CA ALA B 140 -4.33 -11.18 1.38
C ALA B 140 -4.63 -9.70 1.21
N ALA B 141 -5.48 -9.38 0.23
CA ALA B 141 -5.94 -8.02 0.00
C ALA B 141 -7.45 -8.04 -0.20
N LEU B 142 -8.14 -7.16 0.54
CA LEU B 142 -9.60 -7.00 0.46
C LEU B 142 -9.87 -5.63 -0.15
N LEU B 143 -10.52 -5.61 -1.31
CA LEU B 143 -10.59 -4.43 -2.16
C LEU B 143 -11.97 -3.79 -2.14
N SER B 144 -11.98 -2.46 -2.01
CA SER B 144 -13.14 -1.61 -2.25
C SER B 144 -12.71 -0.48 -3.16
N PRO B 145 -13.65 0.23 -3.78
CA PRO B 145 -13.24 1.30 -4.72
C PRO B 145 -12.35 2.36 -4.10
N TYR B 146 -12.61 2.78 -2.85
CA TYR B 146 -11.83 3.83 -2.23
C TYR B 146 -10.98 3.34 -1.08
N SER B 147 -10.83 2.02 -0.93
CA SER B 147 -10.15 1.51 0.25
C SER B 147 -9.59 0.14 -0.06
N TYR B 148 -8.50 -0.21 0.63
CA TYR B 148 -8.11 -1.61 0.64
C TYR B 148 -7.55 -1.95 2.01
N SER B 149 -7.66 -3.23 2.35
CA SER B 149 -7.09 -3.79 3.56
C SER B 149 -6.16 -4.91 3.13
N THR B 150 -5.05 -5.08 3.82
CA THR B 150 -4.16 -6.17 3.50
C THR B 150 -3.58 -6.74 4.78
N THR B 151 -3.36 -8.05 4.78
CA THR B 151 -2.72 -8.73 5.89
C THR B 151 -1.79 -9.79 5.35
N ALA B 152 -0.92 -10.27 6.22
CA ALA B 152 0.00 -11.34 5.86
C ALA B 152 -0.13 -12.45 6.88
N VAL B 153 -0.03 -13.68 6.39
CA VAL B 153 0.16 -14.86 7.21
C VAL B 153 1.53 -15.42 6.87
N VAL B 154 2.39 -15.52 7.88
CA VAL B 154 3.78 -15.95 7.71
C VAL B 154 3.94 -17.22 8.54
N THR B 155 4.34 -18.31 7.88
CA THR B 155 4.44 -19.61 8.52
C THR B 155 5.84 -20.21 8.32
N ASN B 156 6.31 -20.90 9.34
CA ASN B 156 7.61 -21.54 9.26
C ASN B 156 7.48 -22.93 8.65
C1 PIT C . -9.75 2.32 8.00
C2 PIT C . -10.39 1.36 8.77
C3 PIT C . -11.16 1.77 9.86
C4 PIT C . -11.27 3.13 10.19
C5 PIT C . -10.62 4.09 9.41
C6 PIT C . -9.86 3.68 8.31
C7 PIT C . -10.71 5.46 9.69
C8 PIT C . -11.08 5.88 11.12
C9 PIT C . -11.18 7.25 11.38
C10 PIT C . -11.05 8.21 10.38
C11 PIT C . -11.17 9.56 10.71
C12 PIT C . -11.42 9.94 12.02
C13 PIT C . -11.55 8.99 13.02
C14 PIT C . -11.45 7.65 12.69
O1 PIT C . -11.53 11.28 12.27
O2 PIT C . -11.79 0.85 10.65
O3 PIT C . -9.01 1.95 6.93
OAD PIT C . -11.05 10.56 9.80
NA NA D . -9.26 16.19 -16.39
C1 PIT E . -10.51 -8.84 5.96
C2 PIT E . -9.40 -8.02 5.72
C3 PIT E . -8.28 -8.54 5.09
C4 PIT E . -8.26 -9.88 4.70
C5 PIT E . -9.36 -10.71 4.93
C6 PIT E . -10.48 -10.18 5.56
C7 PIT E . -9.37 -12.06 4.54
C8 PIT E . -8.01 -12.73 4.34
C9 PIT E . -8.01 -14.07 3.94
C10 PIT E . -9.19 -14.74 3.58
C11 PIT E . -9.12 -16.07 3.19
C12 PIT E . -7.89 -16.74 3.16
C13 PIT E . -6.72 -16.08 3.51
C14 PIT E . -6.80 -14.75 3.89
O1 PIT E . -7.91 -18.05 2.76
O2 PIT E . -7.19 -7.76 4.86
O3 PIT E . -11.61 -8.33 6.57
OAD PIT E . -10.21 -16.80 2.83
#